data_2HPP
#
_entry.id   2HPP
#
_cell.length_a   122.700
_cell.length_b   122.700
_cell.length_c   103.700
_cell.angle_alpha   90.00
_cell.angle_beta   90.00
_cell.angle_gamma   90.00
#
_symmetry.space_group_name_H-M   'P 41 21 2'
#
loop_
_entity.id
_entity.type
_entity.pdbx_description
1 polymer 'ALPHA-THROMBIN LIGHT CHAIN'
2 polymer 'ALPHA-THROMBIN HEAVY CHAIN'
3 polymer Prothrombin
4 non-polymer D-phenylalanyl-N-[(3S)-6-carbamimidamido-1-chloro-2-oxohexan-3-yl]-L-prolinamide
5 water water
#
loop_
_entity_poly.entity_id
_entity_poly.type
_entity_poly.pdbx_seq_one_letter_code
_entity_poly.pdbx_strand_id
1 'polypeptide(L)' TFGSGEADCGLRPLFEKKSLEDKTERELLESYIDGR L
2 'polypeptide(L)'
;IVEGSDAEIGMSPWQVMLFRKSPQELLCGASLISDRWVLTAAHCLLYPPWDKNFTENDLLVRIGKHSRTRYERNIEKISM
LEKIYIHPRYNWRENLDRDIALMKLKKPVAFSDYIHPVCLPDRETAASLLQAGYKGRVTGWGNLKETWTANVGKGQPSVL
QVVNLPIVERPVCKDSTRIRITDNMFCAGYKPDEGKRGDACEGDSGGPFVMKSPFNNRWYQMGIVSWGEGCDRDGKYGFY
THVFRLKKWIQKVIDQFGE
;
H
3 'polypeptide(L)' CVPDRGREYRGRLAVTTSGSRCLAWSSEQAKALSKDQDFNPAVPLAENFCRNPDGDEEGAWCYVADQPGDFEYCNLNYC P
#
# COMPACT_ATOMS: atom_id res chain seq x y z
N GLY A 5 16.30 13.67 0.65
CA GLY A 5 15.35 12.58 0.91
C GLY A 5 16.02 11.29 1.37
N GLU A 6 15.58 10.21 0.78
CA GLU A 6 15.93 8.81 0.94
C GLU A 6 17.34 8.35 0.54
N ALA A 7 18.20 8.20 1.54
CA ALA A 7 19.60 7.78 1.46
C ALA A 7 20.06 7.47 2.89
N ASP A 8 19.36 8.17 3.75
CA ASP A 8 19.55 8.05 5.20
C ASP A 8 18.28 7.41 5.76
N CYS A 9 17.53 6.95 4.78
CA CYS A 9 16.25 6.29 4.92
C CYS A 9 16.56 5.19 5.95
N GLY A 10 15.47 4.80 6.53
CA GLY A 10 15.21 3.82 7.50
C GLY A 10 16.10 3.60 8.68
N LEU A 11 16.59 4.68 9.22
CA LEU A 11 17.47 4.68 10.39
C LEU A 11 16.86 5.65 11.37
N ARG A 12 16.04 5.23 12.31
CA ARG A 12 15.44 6.18 13.24
C ARG A 12 16.49 6.85 14.10
N PRO A 13 16.41 8.18 14.18
CA PRO A 13 17.39 8.96 14.93
C PRO A 13 17.31 8.76 16.45
N LEU A 14 16.18 8.36 16.98
CA LEU A 14 16.15 8.19 18.45
C LEU A 14 16.42 6.74 18.82
N PHE A 15 16.75 5.93 17.84
CA PHE A 15 17.03 4.51 18.11
C PHE A 15 18.30 4.01 17.43
N GLU A 16 18.09 3.55 16.21
CA GLU A 16 19.19 3.06 15.40
C GLU A 16 20.40 3.97 15.61
N LYS A 17 20.17 5.27 15.61
CA LYS A 17 21.24 6.27 15.74
C LYS A 17 21.76 6.58 17.11
N LYS A 18 20.98 6.33 18.13
CA LYS A 18 21.36 6.61 19.54
C LYS A 18 21.83 5.23 20.00
N SER A 19 21.48 4.36 19.04
CA SER A 19 21.81 2.95 19.32
C SER A 19 20.87 2.48 20.42
N LEU A 20 19.59 2.72 20.37
CA LEU A 20 18.64 2.22 21.40
C LEU A 20 17.75 1.19 20.72
N GLU A 21 17.16 0.27 21.47
CA GLU A 21 16.33 -0.73 20.78
C GLU A 21 14.87 -0.40 21.07
N ASP A 22 14.02 -0.41 20.06
CA ASP A 22 12.62 -0.09 20.46
C ASP A 22 12.23 -1.35 21.24
N LYS A 23 11.32 -1.13 22.15
CA LYS A 23 10.82 -2.17 23.05
C LYS A 23 10.43 -3.46 22.36
N THR A 24 10.34 -3.63 21.06
CA THR A 24 9.93 -4.93 20.51
C THR A 24 10.60 -5.19 19.19
N GLU A 25 11.33 -4.19 18.76
CA GLU A 25 12.04 -4.37 17.48
C GLU A 25 12.63 -5.78 17.58
N ARG A 26 13.06 -6.20 18.76
CA ARG A 26 13.64 -7.55 18.86
C ARG A 26 12.78 -8.76 18.50
N GLU A 27 11.52 -8.64 18.81
CA GLU A 27 10.57 -9.70 18.47
C GLU A 27 10.69 -10.02 16.98
N LEU A 28 11.04 -9.03 16.18
CA LEU A 28 11.14 -9.12 14.73
C LEU A 28 12.40 -9.77 14.20
N LEU A 29 13.50 -9.46 14.88
CA LEU A 29 14.80 -9.98 14.44
C LEU A 29 14.98 -11.45 14.75
N GLU A 30 14.54 -11.79 15.94
CA GLU A 30 14.62 -13.18 16.38
C GLU A 30 13.69 -13.96 15.43
N SER A 31 12.68 -13.23 15.00
CA SER A 31 11.76 -13.95 14.12
C SER A 31 12.54 -14.45 12.93
N TYR A 32 13.69 -14.02 12.48
CA TYR A 32 14.35 -14.58 11.28
C TYR A 32 15.43 -15.61 11.61
N ILE A 33 16.17 -15.34 12.67
CA ILE A 33 17.24 -16.28 13.04
C ILE A 33 16.66 -17.67 13.32
N ASP A 34 15.44 -17.58 13.88
CA ASP A 34 14.70 -18.84 14.19
C ASP A 34 13.97 -19.29 12.91
N ILE B 1 -5.46 0.35 15.64
CA ILE B 1 -4.95 -1.04 15.47
C ILE B 1 -5.44 -1.90 16.61
N VAL B 2 -6.02 -3.04 16.30
CA VAL B 2 -6.54 -3.96 17.31
C VAL B 2 -5.49 -4.87 17.95
N GLU B 3 -5.41 -4.71 19.26
CA GLU B 3 -4.52 -5.50 20.11
C GLU B 3 -3.05 -5.11 19.99
N GLY B 4 -2.96 -3.80 19.85
CA GLY B 4 -1.64 -3.15 19.73
C GLY B 4 -1.34 -2.55 21.09
N SER B 5 -0.29 -1.77 21.09
CA SER B 5 0.30 -1.03 22.23
C SER B 5 0.76 0.37 21.83
N ASP B 6 0.77 1.35 22.71
CA ASP B 6 1.19 2.71 22.38
C ASP B 6 2.65 2.66 21.89
N ALA B 7 2.74 3.36 20.78
CA ALA B 7 3.97 3.53 20.02
C ALA B 7 4.86 4.29 20.99
N GLU B 8 6.13 4.00 20.93
CA GLU B 8 7.19 4.65 21.75
C GLU B 8 7.34 5.99 21.06
N ILE B 9 8.20 6.90 21.42
CA ILE B 9 8.13 8.13 20.60
C ILE B 9 9.36 8.27 19.74
N GLY B 10 9.11 8.41 18.46
CA GLY B 10 10.15 8.55 17.43
C GLY B 10 10.47 7.15 16.91
N MET B 11 9.64 6.22 17.29
CA MET B 11 9.76 4.82 16.90
C MET B 11 9.41 4.59 15.44
N SER B 12 8.51 5.37 14.89
CA SER B 12 8.10 5.24 13.47
C SER B 12 7.90 6.69 12.97
N PRO B 13 9.03 7.29 12.62
CA PRO B 13 9.07 8.67 12.17
C PRO B 13 8.46 8.85 10.80
N TRP B 14 8.45 7.81 10.00
CA TRP B 14 7.91 7.79 8.64
C TRP B 14 6.39 7.79 8.65
N GLN B 15 5.77 7.50 9.77
CA GLN B 15 4.33 7.52 9.86
C GLN B 15 3.75 8.94 9.75
N VAL B 16 2.85 8.99 8.78
CA VAL B 16 2.06 10.14 8.33
C VAL B 16 0.55 10.04 8.61
N MET B 17 -0.05 11.22 8.68
CA MET B 17 -1.49 11.32 8.93
C MET B 17 -2.17 12.00 7.74
N LEU B 18 -3.19 11.34 7.25
CA LEU B 18 -3.93 11.90 6.07
C LEU B 18 -5.32 12.12 6.65
N PHE B 19 -5.49 13.39 6.86
CA PHE B 19 -6.46 14.29 7.37
C PHE B 19 -7.29 15.03 6.34
N ARG B 20 -8.61 14.93 6.41
CA ARG B 20 -9.41 15.68 5.42
C ARG B 20 -9.60 17.13 5.92
N LYS B 21 -9.24 18.03 5.02
CA LYS B 21 -9.21 19.50 5.27
C LYS B 21 -10.35 19.97 6.20
N SER B 22 -11.57 19.56 5.90
CA SER B 22 -12.74 19.97 6.72
C SER B 22 -14.02 19.33 6.18
N PRO B 23 -14.78 18.65 7.00
CA PRO B 23 -14.52 18.42 8.43
C PRO B 23 -13.10 17.96 8.72
N GLN B 24 -12.52 18.57 9.73
CA GLN B 24 -11.13 18.16 10.08
C GLN B 24 -11.38 16.76 10.68
N GLU B 25 -11.15 15.73 9.88
CA GLU B 25 -11.30 14.34 10.31
C GLU B 25 -10.12 13.55 9.76
N LEU B 26 -9.79 12.51 10.51
CA LEU B 26 -8.66 11.61 10.15
C LEU B 26 -9.24 10.58 9.18
N LEU B 27 -8.61 10.43 8.01
CA LEU B 27 -9.12 9.47 7.02
C LEU B 27 -8.23 8.23 6.86
N CYS B 28 -6.94 8.37 6.88
CA CYS B 28 -5.98 7.28 6.73
C CYS B 28 -4.59 7.65 7.24
N GLY B 29 -3.64 6.77 6.97
CA GLY B 29 -2.25 6.99 7.39
C GLY B 29 -1.37 6.95 6.16
N ALA B 30 -0.06 7.07 6.38
CA ALA B 30 0.85 7.05 5.21
C ALA B 30 2.31 7.09 5.64
N SER B 31 3.19 7.09 4.67
CA SER B 31 4.62 7.12 4.92
C SER B 31 5.33 8.20 4.14
N LEU B 32 6.44 8.67 4.66
CA LEU B 32 7.36 9.64 4.07
C LEU B 32 8.40 8.75 3.40
N ILE B 33 8.49 8.70 2.11
CA ILE B 33 9.47 7.83 1.42
C ILE B 33 10.70 8.66 1.06
N SER B 34 10.43 9.94 1.14
CA SER B 34 11.42 11.00 0.88
C SER B 34 10.90 12.18 1.71
N ASP B 35 11.41 13.34 1.40
CA ASP B 35 11.11 14.62 2.03
C ASP B 35 10.05 15.39 1.25
N ARG B 36 9.58 14.81 0.17
CA ARG B 36 8.61 15.49 -0.69
C ARG B 36 7.40 14.66 -1.05
N TRP B 37 7.57 13.35 -0.90
CA TRP B 37 6.54 12.39 -1.26
C TRP B 37 6.13 11.53 -0.07
N VAL B 38 4.86 11.30 0.05
CA VAL B 38 4.11 10.52 1.01
C VAL B 38 3.50 9.37 0.21
N LEU B 39 3.49 8.15 0.67
CA LEU B 39 2.89 7.03 -0.08
C LEU B 39 1.68 6.62 0.76
N THR B 40 0.60 6.28 0.08
CA THR B 40 -0.60 5.84 0.80
C THR B 40 -1.36 4.74 0.03
N ALA B 41 -2.56 4.50 0.54
CA ALA B 41 -3.47 3.49 -0.08
C ALA B 41 -4.42 4.30 -0.97
N ALA B 42 -4.47 3.85 -2.23
CA ALA B 42 -5.30 4.53 -3.24
C ALA B 42 -6.71 4.76 -2.71
N HIS B 43 -7.39 3.71 -2.31
CA HIS B 43 -8.75 3.72 -1.80
C HIS B 43 -9.03 4.77 -0.74
N CYS B 44 -7.99 5.35 -0.19
CA CYS B 44 -8.17 6.40 0.82
C CYS B 44 -8.66 7.69 0.13
N LEU B 45 -8.26 7.79 -1.13
CA LEU B 45 -8.51 8.88 -2.04
C LEU B 45 -9.67 8.55 -2.95
N LEU B 46 -9.63 7.33 -3.48
CA LEU B 46 -10.70 6.92 -4.43
C LEU B 46 -11.39 5.60 -4.12
N TYR B 47 -12.70 5.72 -4.04
CA TYR B 47 -13.61 4.59 -3.80
C TYR B 47 -15.03 5.01 -4.08
N PRO B 48 -15.41 4.95 -5.37
CA PRO B 48 -16.73 5.37 -5.84
C PRO B 48 -17.88 4.68 -5.15
N PRO B 49 -17.82 3.38 -4.84
CA PRO B 49 -18.93 2.71 -4.19
C PRO B 49 -19.30 3.44 -2.93
N TRP B 50 -18.36 4.22 -2.43
CA TRP B 50 -18.58 5.02 -1.22
C TRP B 50 -18.51 6.51 -1.48
N ASP B 51 -18.74 6.90 -2.71
CA ASP B 51 -18.69 8.33 -3.07
C ASP B 51 -17.51 9.01 -2.39
N LYS B 52 -16.39 8.35 -2.54
CA LYS B 52 -15.11 8.80 -2.01
C LYS B 52 -14.25 9.28 -3.18
N ASN B 53 -13.96 10.55 -3.17
CA ASN B 53 -13.13 11.15 -4.22
C ASN B 53 -12.47 12.42 -3.71
N PHE B 54 -11.25 12.27 -3.23
CA PHE B 54 -10.48 13.42 -2.76
C PHE B 54 -9.53 13.85 -3.82
N THR B 55 -9.30 15.12 -3.80
CA THR B 55 -8.42 15.81 -4.72
C THR B 55 -7.39 16.52 -3.83
N GLU B 56 -6.22 16.81 -4.37
CA GLU B 56 -5.15 17.43 -3.56
C GLU B 56 -5.66 18.65 -2.82
N ASN B 57 -6.97 18.75 -2.63
CA ASN B 57 -7.45 19.93 -1.94
C ASN B 57 -8.31 19.66 -0.72
N ASP B 58 -9.03 18.58 -0.69
CA ASP B 58 -9.86 18.29 0.48
C ASP B 58 -9.01 17.64 1.55
N LEU B 59 -7.74 17.42 1.34
CA LEU B 59 -6.87 16.78 2.32
C LEU B 59 -5.60 17.57 2.62
N LEU B 60 -4.95 17.04 3.65
CA LEU B 60 -3.67 17.67 4.08
C LEU B 60 -2.86 16.70 4.91
N VAL B 61 -1.54 16.73 4.88
CA VAL B 61 -0.74 15.76 5.65
C VAL B 61 -0.28 16.34 6.98
N ARG B 62 -0.01 15.50 7.95
CA ARG B 62 0.44 15.87 9.29
C ARG B 62 1.61 14.95 9.57
N ILE B 63 2.86 15.37 9.70
CA ILE B 63 4.06 14.55 9.96
C ILE B 63 4.73 14.65 11.32
N GLY B 64 5.16 13.56 11.93
CA GLY B 64 5.81 13.55 13.24
C GLY B 64 4.88 13.70 14.42
N LYS B 65 3.60 13.42 14.24
CA LYS B 65 2.55 13.48 15.27
C LYS B 65 2.70 12.23 16.14
N HIS B 66 2.23 12.22 17.37
CA HIS B 66 2.30 11.06 18.27
C HIS B 66 0.86 10.84 18.76
N SER B 67 0.32 11.90 19.32
CA SER B 67 -1.03 11.97 19.84
C SER B 67 -2.01 12.17 18.70
N ARG B 68 -3.15 11.52 18.73
CA ARG B 68 -4.16 11.65 17.67
C ARG B 68 -4.80 13.05 17.63
N THR B 69 -4.91 13.61 18.84
CA THR B 69 -5.54 14.90 19.09
C THR B 69 -4.69 16.15 19.12
N ARG B 70 -3.99 16.37 20.22
CA ARG B 70 -3.13 17.54 20.43
C ARG B 70 -2.32 17.84 19.15
N TYR B 71 -2.36 19.11 18.81
CA TYR B 71 -1.60 19.61 17.64
C TYR B 71 -0.27 19.76 18.43
N GLU B 72 0.67 18.91 18.15
CA GLU B 72 1.96 18.91 18.84
C GLU B 72 2.80 19.99 18.17
N ARG B 73 2.63 21.21 18.66
CA ARG B 73 3.19 22.42 18.05
C ARG B 73 4.69 22.45 17.70
N ASN B 74 5.68 21.98 18.41
CA ASN B 74 7.01 22.22 17.77
C ASN B 74 7.64 20.95 17.19
N ILE B 75 6.82 19.91 17.12
CA ILE B 75 7.19 18.55 16.67
C ILE B 75 6.77 18.25 15.23
N GLU B 76 5.46 18.21 15.17
CA GLU B 76 4.68 17.91 13.98
C GLU B 76 4.64 18.99 12.91
N LYS B 77 4.54 18.54 11.68
CA LYS B 77 4.45 19.37 10.47
C LYS B 77 3.13 19.14 9.73
N ILE B 78 2.42 20.22 9.47
CA ILE B 78 1.16 20.15 8.72
C ILE B 78 1.58 20.44 7.28
N SER B 79 1.63 19.56 6.32
CA SER B 79 2.04 19.88 4.92
C SER B 79 0.80 19.82 4.03
N MET B 80 0.91 20.40 2.84
CA MET B 80 -0.23 20.44 1.91
C MET B 80 0.05 19.75 0.57
N LEU B 81 -0.95 18.96 0.16
CA LEU B 81 -0.72 18.22 -1.09
C LEU B 81 -0.57 19.14 -2.28
N GLU B 82 0.36 18.72 -3.09
CA GLU B 82 0.71 19.39 -4.33
C GLU B 82 -0.08 18.72 -5.47
N LYS B 83 0.13 17.43 -5.59
CA LYS B 83 -0.48 16.55 -6.59
C LYS B 83 -0.65 15.11 -6.05
N ILE B 84 -1.64 14.43 -6.62
CA ILE B 84 -1.93 13.04 -6.26
C ILE B 84 -1.67 12.09 -7.41
N TYR B 85 -1.39 10.84 -7.14
CA TYR B 85 -1.16 9.85 -8.19
C TYR B 85 -1.68 8.49 -7.75
N ILE B 86 -2.84 8.15 -8.34
CA ILE B 86 -3.51 6.87 -8.11
C ILE B 86 -3.01 5.85 -9.13
N HIS B 87 -2.75 4.63 -8.78
CA HIS B 87 -2.26 3.59 -9.69
C HIS B 87 -3.28 3.38 -10.77
N PRO B 88 -2.86 3.44 -12.02
CA PRO B 88 -3.79 3.34 -13.15
C PRO B 88 -4.67 2.11 -13.17
N ARG B 89 -4.16 1.02 -12.62
CA ARG B 89 -5.04 -0.18 -12.66
C ARG B 89 -5.35 -0.67 -11.27
N TYR B 90 -5.69 0.27 -10.41
CA TYR B 90 -6.11 0.17 -9.02
C TYR B 90 -7.57 -0.29 -9.10
N ASN B 91 -7.75 -1.57 -8.99
CA ASN B 91 -9.04 -2.21 -9.18
C ASN B 91 -10.02 -2.06 -8.01
N TRP B 92 -10.80 -0.98 -8.02
CA TRP B 92 -11.76 -0.73 -6.92
C TRP B 92 -13.11 -1.41 -7.15
N ARG B 93 -13.28 -1.84 -8.37
CA ARG B 93 -14.47 -2.54 -8.84
C ARG B 93 -14.35 -4.03 -8.51
N GLU B 94 -13.24 -4.51 -7.99
CA GLU B 94 -13.14 -5.94 -7.67
C GLU B 94 -12.63 -6.25 -6.27
N ASN B 95 -11.31 -6.42 -6.23
CA ASN B 95 -10.62 -6.75 -4.98
C ASN B 95 -9.72 -5.65 -4.47
N LEU B 96 -9.80 -4.46 -4.98
CA LEU B 96 -8.90 -3.39 -4.47
C LEU B 96 -7.45 -3.67 -4.75
N ASP B 97 -7.14 -4.22 -5.91
CA ASP B 97 -5.84 -4.61 -6.44
C ASP B 97 -4.93 -3.44 -6.79
N ARG B 98 -3.68 -3.42 -6.34
CA ARG B 98 -2.87 -2.24 -6.69
C ARG B 98 -3.37 -1.04 -5.87
N ASP B 99 -3.64 -1.25 -4.60
CA ASP B 99 -4.11 -0.16 -3.73
C ASP B 99 -2.91 0.74 -3.45
N ILE B 100 -2.35 1.36 -4.47
CA ILE B 100 -1.20 2.25 -4.15
C ILE B 100 -1.50 3.66 -4.64
N ALA B 101 -0.90 4.67 -4.09
CA ALA B 101 -1.17 6.06 -4.53
C ALA B 101 0.00 6.86 -3.95
N LEU B 102 0.21 8.03 -4.50
CA LEU B 102 1.33 8.88 -4.12
C LEU B 102 0.88 10.33 -4.02
N MET B 103 1.47 11.04 -3.07
CA MET B 103 1.17 12.46 -2.89
C MET B 103 2.49 13.23 -2.84
N LYS B 104 2.44 14.20 -3.75
CA LYS B 104 3.60 15.11 -3.86
C LYS B 104 3.32 16.29 -2.92
N LEU B 105 4.18 16.54 -1.95
CA LEU B 105 3.96 17.66 -1.02
C LEU B 105 4.41 18.93 -1.79
N LYS B 106 3.76 20.02 -1.46
CA LYS B 106 4.01 21.34 -2.06
C LYS B 106 5.41 21.83 -1.69
N LYS B 107 5.62 21.92 -0.40
CA LYS B 107 6.94 22.36 0.06
C LYS B 107 7.47 21.20 0.91
N PRO B 108 8.70 20.87 0.56
CA PRO B 108 9.45 19.81 1.21
C PRO B 108 9.52 19.87 2.73
N VAL B 109 9.64 18.68 3.34
CA VAL B 109 9.74 18.62 4.79
C VAL B 109 11.23 18.56 5.19
N ALA B 110 11.28 19.05 6.43
CA ALA B 110 12.55 19.17 7.19
C ALA B 110 12.56 18.03 8.23
N PHE B 111 13.49 17.10 8.03
CA PHE B 111 13.67 15.92 8.91
C PHE B 111 14.04 16.41 10.31
N SER B 112 13.37 15.91 11.33
CA SER B 112 13.60 16.31 12.73
C SER B 112 13.81 15.01 13.47
N ASP B 113 13.88 14.97 14.76
CA ASP B 113 14.09 13.69 15.47
C ASP B 113 12.90 12.74 15.24
N TYR B 114 11.81 13.46 15.03
CA TYR B 114 10.52 12.82 14.85
C TYR B 114 9.98 12.69 13.44
N ILE B 115 10.67 13.01 12.38
CA ILE B 115 10.22 12.98 10.99
C ILE B 115 11.35 12.48 10.10
N HIS B 116 11.30 11.27 9.62
CA HIS B 116 12.37 10.68 8.78
C HIS B 116 11.80 9.57 7.91
N PRO B 117 12.26 9.46 6.66
CA PRO B 117 11.80 8.48 5.69
C PRO B 117 12.22 7.04 5.88
N VAL B 118 11.35 6.18 5.44
CA VAL B 118 11.48 4.71 5.43
C VAL B 118 12.10 4.28 4.11
N CYS B 119 12.63 3.07 3.97
CA CYS B 119 13.19 2.74 2.63
C CYS B 119 12.28 1.82 1.80
N LEU B 120 12.50 1.81 0.50
CA LEU B 120 11.72 0.90 -0.40
C LEU B 120 12.65 -0.30 -0.60
N PRO B 121 12.04 -1.48 -0.53
CA PRO B 121 12.81 -2.71 -0.64
C PRO B 121 13.46 -2.86 -1.98
N ASP B 122 14.64 -3.42 -1.93
CA ASP B 122 15.31 -3.66 -3.24
C ASP B 122 15.03 -5.14 -3.48
N ARG B 123 15.10 -5.60 -4.72
CA ARG B 123 14.80 -7.06 -4.92
C ARG B 123 15.45 -7.97 -3.88
N GLU B 124 16.68 -7.76 -3.52
CA GLU B 124 17.33 -8.66 -2.57
C GLU B 124 16.64 -8.63 -1.16
N THR B 125 16.33 -7.44 -0.63
CA THR B 125 15.69 -7.34 0.72
C THR B 125 14.37 -8.10 0.75
N ALA B 126 13.52 -7.63 -0.16
CA ALA B 126 12.17 -8.03 -0.48
C ALA B 126 12.10 -9.56 -0.55
N ALA B 127 13.03 -10.05 -1.34
CA ALA B 127 13.22 -11.46 -1.61
C ALA B 127 13.59 -12.34 -0.43
N SER B 128 14.42 -11.79 0.44
CA SER B 128 14.87 -12.55 1.59
C SER B 128 14.05 -12.31 2.83
N LEU B 129 13.33 -11.19 2.80
CA LEU B 129 12.56 -10.87 4.00
C LEU B 129 11.09 -11.13 3.85
N LEU B 130 10.69 -11.20 2.60
CA LEU B 130 9.21 -11.44 2.48
C LEU B 130 9.01 -12.94 2.56
N GLN B 131 9.00 -13.44 3.79
CA GLN B 131 8.82 -14.91 3.90
C GLN B 131 7.91 -15.23 5.07
N ALA B 132 7.07 -16.20 4.77
CA ALA B 132 6.06 -16.62 5.77
C ALA B 132 6.75 -16.92 7.10
N GLY B 133 6.24 -16.29 8.14
CA GLY B 133 6.76 -16.47 9.48
C GLY B 133 7.47 -15.22 9.99
N TYR B 134 8.02 -14.52 9.00
CA TYR B 134 8.70 -13.26 9.34
C TYR B 134 7.66 -12.30 9.92
N LYS B 135 8.11 -11.52 10.90
CA LYS B 135 7.15 -10.55 11.46
C LYS B 135 7.67 -9.18 10.97
N GLY B 136 6.67 -8.36 10.71
CA GLY B 136 6.80 -6.97 10.23
C GLY B 136 5.89 -6.22 11.20
N ARG B 137 5.77 -4.92 11.10
CA ARG B 137 4.92 -4.27 12.11
C ARG B 137 4.03 -3.16 11.63
N VAL B 138 2.76 -3.20 12.03
CA VAL B 138 1.79 -2.12 11.60
C VAL B 138 1.72 -0.99 12.62
N THR B 139 1.26 0.14 12.14
CA THR B 139 1.13 1.38 12.97
C THR B 139 -0.05 2.18 12.42
N GLY B 140 -0.91 2.65 13.30
CA GLY B 140 -2.09 3.43 12.81
C GLY B 140 -2.79 4.06 14.02
N TRP B 141 -3.75 4.93 13.76
CA TRP B 141 -4.55 5.65 14.76
C TRP B 141 -6.04 5.31 14.53
N GLY B 142 -6.15 4.24 13.81
CA GLY B 142 -7.43 3.67 13.39
C GLY B 142 -8.04 3.05 14.65
N ASN B 143 -9.23 2.52 14.48
CA ASN B 143 -10.02 1.89 15.52
C ASN B 143 -9.21 0.69 16.06
N LEU B 144 -9.32 0.64 17.36
CA LEU B 144 -8.74 -0.31 18.27
C LEU B 144 -9.57 -1.60 18.34
N LYS B 145 -10.78 -1.50 17.82
CA LYS B 145 -11.68 -2.65 17.81
C LYS B 145 -12.56 -2.70 16.56
N GLU B 146 -12.92 -3.94 16.22
CA GLU B 146 -13.77 -4.10 15.04
C GLU B 146 -15.08 -3.34 15.21
N THR B 147 -15.49 -3.21 16.46
CA THR B 147 -16.76 -2.55 16.81
C THR B 147 -16.97 -2.14 18.28
N TRP B 148 -17.43 -0.89 18.41
CA TRP B 148 -17.72 -0.26 19.71
C TRP B 148 -16.54 0.55 20.26
N GLY B 155 -13.35 4.66 20.92
CA GLY B 155 -12.66 3.40 20.53
C GLY B 155 -11.62 3.67 19.43
N GLN B 156 -11.06 4.87 19.58
CA GLN B 156 -10.00 5.52 18.79
C GLN B 156 -8.91 5.84 19.83
N PRO B 157 -7.69 5.49 19.46
CA PRO B 157 -6.54 5.70 20.33
C PRO B 157 -6.36 7.22 20.48
N SER B 158 -5.58 7.49 21.47
CA SER B 158 -5.15 8.83 21.87
C SER B 158 -3.70 8.96 21.42
N VAL B 159 -3.14 7.81 21.06
CA VAL B 159 -1.78 7.64 20.60
C VAL B 159 -1.59 6.47 19.64
N LEU B 160 -0.67 6.76 18.74
CA LEU B 160 -0.24 5.84 17.69
C LEU B 160 -0.10 4.43 18.26
N GLN B 161 -0.44 3.38 17.57
CA GLN B 161 -0.27 2.04 18.18
C GLN B 161 0.62 1.12 17.38
N VAL B 162 0.99 -0.04 17.87
CA VAL B 162 1.84 -0.96 17.07
C VAL B 162 1.37 -2.39 17.26
N VAL B 163 1.75 -3.26 16.36
CA VAL B 163 1.35 -4.69 16.44
C VAL B 163 2.26 -5.31 15.38
N ASN B 164 2.97 -6.32 15.75
CA ASN B 164 3.90 -7.05 14.88
C ASN B 164 3.12 -8.31 14.52
N LEU B 165 2.96 -8.56 13.24
CA LEU B 165 2.20 -9.76 12.86
C LEU B 165 3.18 -10.47 11.93
N PRO B 166 3.14 -11.80 12.00
CA PRO B 166 4.01 -12.67 11.21
C PRO B 166 3.41 -12.73 9.81
N ILE B 167 4.15 -13.01 8.80
CA ILE B 167 3.57 -13.11 7.43
C ILE B 167 2.95 -14.51 7.31
N VAL B 168 1.85 -14.67 6.62
CA VAL B 168 1.14 -15.94 6.48
C VAL B 168 1.42 -16.57 5.14
N GLU B 169 1.30 -17.85 4.93
CA GLU B 169 1.52 -18.50 3.64
C GLU B 169 0.38 -18.15 2.67
N ARG B 170 0.73 -17.69 1.48
CA ARG B 170 -0.26 -17.31 0.46
C ARG B 170 -1.51 -18.19 0.39
N PRO B 171 -1.31 -19.50 0.28
CA PRO B 171 -2.42 -20.44 0.27
C PRO B 171 -3.24 -20.25 1.56
N VAL B 172 -2.58 -20.06 2.70
CA VAL B 172 -3.46 -19.90 3.86
C VAL B 172 -4.30 -18.63 3.69
N CYS B 173 -3.65 -17.66 3.10
CA CYS B 173 -4.32 -16.36 2.90
C CYS B 173 -5.47 -16.52 1.89
N LYS B 174 -5.11 -17.22 0.83
CA LYS B 174 -5.92 -17.55 -0.32
C LYS B 174 -7.31 -18.09 -0.01
N ASP B 175 -7.29 -19.00 0.91
CA ASP B 175 -8.42 -19.75 1.46
C ASP B 175 -9.04 -18.93 2.59
N SER B 176 -8.28 -17.99 3.09
CA SER B 176 -8.73 -17.09 4.16
C SER B 176 -10.00 -16.39 3.63
N THR B 177 -10.12 -16.20 2.31
CA THR B 177 -11.31 -15.52 1.79
C THR B 177 -11.74 -15.80 0.36
N ARG B 178 -12.86 -15.20 0.04
CA ARG B 178 -13.68 -15.11 -1.15
C ARG B 178 -13.20 -14.13 -2.23
N ILE B 179 -12.55 -13.06 -1.78
CA ILE B 179 -12.01 -12.00 -2.65
C ILE B 179 -10.77 -12.57 -3.35
N ARG B 180 -10.61 -12.14 -4.59
CA ARG B 180 -9.50 -12.69 -5.42
C ARG B 180 -8.18 -12.14 -4.92
N ILE B 181 -7.37 -13.01 -4.30
CA ILE B 181 -6.07 -12.43 -3.82
C ILE B 181 -5.06 -12.44 -4.99
N THR B 182 -4.33 -11.34 -5.12
CA THR B 182 -3.38 -11.23 -6.22
C THR B 182 -1.93 -11.23 -5.77
N ASP B 183 -1.16 -11.21 -6.84
CA ASP B 183 0.29 -11.22 -6.75
C ASP B 183 0.77 -9.97 -6.05
N ASN B 184 0.02 -8.90 -6.13
CA ASN B 184 0.41 -7.63 -5.53
C ASN B 184 -0.24 -7.45 -4.14
N MET B 185 -0.28 -8.56 -3.45
CA MET B 185 -0.84 -8.62 -2.09
C MET B 185 -0.15 -9.70 -1.27
N PHE B 186 -0.15 -9.50 0.02
CA PHE B 186 0.41 -10.43 1.03
C PHE B 186 -0.61 -10.33 2.17
N CYS B 187 -0.76 -11.35 3.00
CA CYS B 187 -1.77 -11.11 4.08
C CYS B 187 -0.86 -11.49 5.23
N ALA B 188 -1.12 -10.98 6.37
CA ALA B 188 -0.27 -11.27 7.55
C ALA B 188 -1.15 -11.31 8.79
N GLY B 189 -0.84 -12.14 9.76
CA GLY B 189 -1.63 -12.27 10.99
C GLY B 189 -1.36 -13.58 11.73
N TYR B 190 -1.97 -13.72 12.93
CA TYR B 190 -1.69 -14.96 13.68
C TYR B 190 -2.73 -15.99 13.29
N LYS B 191 -2.33 -17.24 13.27
CA LYS B 191 -3.34 -18.29 12.94
C LYS B 191 -4.12 -18.47 14.24
N PRO B 192 -5.23 -19.18 14.15
CA PRO B 192 -6.11 -19.41 15.30
C PRO B 192 -5.43 -20.15 16.44
N ASP B 193 -4.50 -21.01 16.10
CA ASP B 193 -3.81 -21.79 17.15
C ASP B 193 -2.58 -21.11 17.72
N GLU B 194 -2.05 -20.10 17.05
CA GLU B 194 -0.85 -19.43 17.57
C GLU B 194 -1.12 -18.64 18.84
N GLY B 195 -2.34 -18.73 19.31
CA GLY B 195 -2.78 -18.08 20.54
C GLY B 195 -2.09 -16.77 20.84
N LYS B 196 -2.19 -15.95 19.82
CA LYS B 196 -1.74 -14.56 19.70
C LYS B 196 -2.69 -13.94 18.63
N ARG B 197 -2.89 -12.67 18.86
CA ARG B 197 -3.74 -11.86 17.99
C ARG B 197 -3.14 -10.45 17.79
N GLY B 198 -3.79 -9.82 16.81
CA GLY B 198 -3.38 -8.45 16.47
C GLY B 198 -3.80 -8.25 15.02
N ASP B 199 -4.11 -7.00 14.72
CA ASP B 199 -4.53 -6.70 13.33
C ASP B 199 -4.71 -5.20 13.18
N ALA B 200 -4.54 -4.76 11.97
CA ALA B 200 -4.84 -3.37 11.63
C ALA B 200 -6.34 -3.38 11.38
N CYS B 201 -7.00 -2.29 11.67
CA CYS B 201 -8.45 -2.24 11.49
C CYS B 201 -8.80 -1.03 10.63
N GLU B 202 -10.09 -0.82 10.45
CA GLU B 202 -10.57 0.33 9.68
C GLU B 202 -9.90 1.58 10.23
N GLY B 203 -9.53 2.53 9.39
CA GLY B 203 -8.88 3.76 9.86
C GLY B 203 -7.38 3.64 9.68
N ASP B 204 -6.95 2.40 9.62
CA ASP B 204 -5.52 2.09 9.48
C ASP B 204 -4.93 2.21 8.09
N SER B 205 -5.68 2.16 7.02
CA SER B 205 -5.12 2.25 5.68
C SER B 205 -4.04 3.27 5.40
N GLY B 206 -3.13 2.85 4.53
CA GLY B 206 -2.01 3.73 4.11
C GLY B 206 -0.87 3.60 5.12
N GLY B 207 -1.33 3.20 6.29
CA GLY B 207 -0.31 3.01 7.35
C GLY B 207 0.66 1.94 6.79
N PRO B 208 1.93 2.14 7.07
CA PRO B 208 3.01 1.26 6.66
C PRO B 208 3.23 -0.13 7.28
N PHE B 209 3.55 -1.17 6.54
CA PHE B 209 3.87 -2.51 7.12
C PHE B 209 5.40 -2.56 6.99
N VAL B 210 6.15 -2.28 8.02
CA VAL B 210 7.62 -2.26 7.91
C VAL B 210 8.29 -3.48 8.53
N MET B 211 9.50 -3.75 8.01
CA MET B 211 10.36 -4.86 8.44
C MET B 211 11.75 -4.28 8.65
N LYS B 212 12.43 -4.72 9.69
CA LYS B 212 13.83 -4.24 9.94
C LYS B 212 14.80 -5.19 9.25
N SER B 213 15.88 -4.76 8.66
CA SER B 213 16.78 -5.72 7.97
C SER B 213 17.99 -6.18 8.77
N PRO B 214 18.31 -7.47 8.70
CA PRO B 214 19.42 -8.03 9.45
C PRO B 214 20.74 -7.62 8.78
N PHE B 215 20.74 -7.73 7.47
CA PHE B 215 21.97 -7.40 6.75
C PHE B 215 22.41 -5.96 6.93
N ASN B 216 21.51 -5.02 7.18
CA ASN B 216 22.02 -3.65 7.32
C ASN B 216 21.27 -2.86 8.36
N ASN B 217 20.18 -3.33 8.92
CA ASN B 217 19.56 -2.50 9.98
C ASN B 217 18.71 -1.35 9.54
N ARG B 218 18.37 -1.25 8.29
CA ARG B 218 17.48 -0.18 7.82
C ARG B 218 16.06 -0.81 7.94
N TRP B 219 15.06 0.03 8.10
CA TRP B 219 13.65 -0.42 8.19
C TRP B 219 13.05 -0.38 6.77
N TYR B 220 12.18 -1.28 6.34
CA TYR B 220 11.66 -1.19 4.97
C TYR B 220 10.16 -1.35 4.83
N GLN B 221 9.56 -0.40 4.13
CA GLN B 221 8.11 -0.45 3.87
C GLN B 221 7.97 -1.67 2.92
N MET B 222 7.34 -2.69 3.43
CA MET B 222 7.18 -3.88 2.57
C MET B 222 5.76 -3.82 2.06
N GLY B 223 4.88 -3.26 2.86
CA GLY B 223 3.48 -3.14 2.45
C GLY B 223 2.71 -1.95 2.99
N ILE B 224 1.45 -1.87 2.61
CA ILE B 224 0.51 -0.84 2.99
C ILE B 224 -0.82 -1.43 3.46
N VAL B 225 -1.37 -1.05 4.57
CA VAL B 225 -2.69 -1.55 5.04
C VAL B 225 -3.74 -1.38 3.91
N SER B 226 -4.16 -2.49 3.25
CA SER B 226 -5.15 -2.38 2.14
C SER B 226 -6.56 -2.54 2.68
N TRP B 227 -6.85 -3.75 3.13
CA TRP B 227 -8.17 -4.08 3.63
C TRP B 227 -8.15 -5.29 4.53
N GLY B 228 -9.28 -5.96 4.49
CA GLY B 228 -9.49 -7.17 5.25
C GLY B 228 -10.95 -7.34 5.65
N GLU B 229 -11.29 -8.43 6.31
CA GLU B 229 -12.70 -8.61 6.73
C GLU B 229 -12.94 -8.51 8.23
N GLY B 230 -13.66 -7.46 8.62
CA GLY B 230 -13.88 -7.28 10.09
C GLY B 230 -12.47 -6.85 10.53
N CYS B 231 -12.06 -7.26 11.70
CA CYS B 231 -10.74 -6.97 12.28
C CYS B 231 -10.51 -7.84 13.49
N ASP B 232 -9.44 -8.56 13.35
CA ASP B 232 -8.96 -9.49 14.38
C ASP B 232 -9.83 -10.76 14.38
N ARG B 233 -10.67 -10.88 13.37
CA ARG B 233 -11.55 -12.07 13.26
C ARG B 233 -10.66 -13.31 13.16
N ASP B 234 -11.24 -14.41 13.62
CA ASP B 234 -10.46 -15.67 13.62
C ASP B 234 -10.59 -16.39 12.28
N GLY B 235 -9.38 -16.59 11.76
CA GLY B 235 -9.23 -17.29 10.48
C GLY B 235 -9.20 -16.33 9.29
N LYS B 236 -9.19 -15.06 9.60
CA LYS B 236 -9.13 -14.03 8.56
C LYS B 236 -7.75 -13.38 8.77
N TYR B 237 -7.25 -12.86 7.66
CA TYR B 237 -5.92 -12.19 7.75
C TYR B 237 -6.16 -10.78 7.26
N GLY B 238 -5.22 -9.88 7.44
CA GLY B 238 -5.36 -8.46 6.99
C GLY B 238 -4.50 -8.47 5.74
N PHE B 239 -4.98 -7.84 4.69
CA PHE B 239 -4.18 -7.84 3.43
C PHE B 239 -3.39 -6.55 3.37
N TYR B 240 -2.27 -6.57 2.69
CA TYR B 240 -1.38 -5.40 2.54
C TYR B 240 -0.95 -5.18 1.10
N THR B 241 -0.75 -3.93 0.67
CA THR B 241 -0.32 -3.78 -0.75
C THR B 241 1.08 -4.37 -0.87
N HIS B 242 1.43 -4.97 -2.00
CA HIS B 242 2.82 -5.49 -2.11
C HIS B 242 3.62 -4.25 -2.45
N VAL B 243 4.27 -3.59 -1.50
CA VAL B 243 4.96 -2.37 -1.95
C VAL B 243 6.03 -2.73 -2.97
N PHE B 244 6.75 -3.82 -2.70
CA PHE B 244 7.77 -4.15 -3.69
C PHE B 244 7.26 -4.13 -5.14
N ARG B 245 6.26 -4.93 -5.37
CA ARG B 245 5.57 -5.20 -6.63
C ARG B 245 5.18 -3.96 -7.41
N LEU B 246 4.99 -2.79 -6.83
CA LEU B 246 4.65 -1.57 -7.61
C LEU B 246 5.77 -0.55 -7.52
N LYS B 247 6.97 -1.09 -7.32
CA LYS B 247 8.19 -0.31 -7.20
C LYS B 247 8.48 0.50 -8.47
N LYS B 248 8.35 -0.04 -9.66
CA LYS B 248 8.60 0.73 -10.90
C LYS B 248 7.61 1.89 -11.06
N TRP B 249 6.32 1.63 -10.88
CA TRP B 249 5.33 2.72 -11.04
C TRP B 249 5.76 3.75 -10.00
N ILE B 250 6.08 3.31 -8.81
CA ILE B 250 6.54 4.29 -7.80
C ILE B 250 7.62 5.20 -8.40
N GLN B 251 8.71 4.69 -8.93
CA GLN B 251 9.77 5.51 -9.46
C GLN B 251 9.45 6.04 -10.85
N LYS B 252 8.61 5.32 -11.55
CA LYS B 252 8.33 5.88 -12.90
C LYS B 252 7.71 7.26 -12.71
N VAL B 253 6.87 7.41 -11.69
CA VAL B 253 6.19 8.66 -11.42
C VAL B 253 7.01 9.73 -10.71
N ILE B 254 7.85 9.28 -9.84
CA ILE B 254 8.67 10.19 -9.04
C ILE B 254 9.78 10.89 -9.80
N ASP B 255 10.62 10.06 -10.40
CA ASP B 255 11.75 10.68 -11.15
C ASP B 255 11.17 11.13 -12.50
N GLN B 256 9.84 11.09 -12.50
CA GLN B 256 9.02 11.52 -13.67
C GLN B 256 9.00 13.07 -13.61
N PHE B 257 8.22 13.56 -12.65
CA PHE B 257 8.03 15.00 -12.38
C PHE B 257 7.98 15.33 -10.89
N CYS C 1 -8.30 -22.39 -26.71
CA CYS C 1 -7.43 -22.16 -25.53
C CYS C 1 -6.45 -21.00 -25.74
N VAL C 2 -6.10 -20.33 -24.67
CA VAL C 2 -5.14 -19.19 -24.59
C VAL C 2 -4.17 -19.66 -23.50
N PRO C 3 -2.90 -19.92 -23.82
CA PRO C 3 -1.90 -20.44 -22.89
C PRO C 3 -1.55 -19.58 -21.67
N ASP C 4 -0.41 -18.90 -21.79
CA ASP C 4 0.08 -17.96 -20.76
C ASP C 4 -1.11 -16.97 -20.60
N ARG C 5 -1.54 -16.74 -19.41
CA ARG C 5 -2.67 -15.85 -19.12
C ARG C 5 -2.90 -14.78 -20.15
N GLY C 6 -2.97 -15.23 -21.38
CA GLY C 6 -3.19 -14.45 -22.60
C GLY C 6 -2.01 -13.48 -22.76
N ARG C 7 -0.92 -13.97 -22.23
CA ARG C 7 0.35 -13.21 -22.22
C ARG C 7 0.72 -12.75 -23.63
N GLU C 8 -0.05 -13.25 -24.56
CA GLU C 8 0.11 -12.97 -25.99
C GLU C 8 -1.16 -13.21 -26.79
N TYR C 9 -2.32 -13.17 -26.11
CA TYR C 9 -3.51 -13.36 -26.97
C TYR C 9 -3.48 -12.01 -27.75
N ARG C 10 -3.24 -12.21 -29.03
CA ARG C 10 -3.21 -11.04 -29.93
C ARG C 10 -4.40 -11.32 -30.86
N GLY C 11 -5.62 -11.19 -30.35
CA GLY C 11 -6.82 -11.44 -31.14
C GLY C 11 -7.58 -10.14 -31.39
N ARG C 12 -8.75 -10.30 -31.96
CA ARG C 12 -9.61 -9.15 -32.27
C ARG C 12 -10.82 -9.00 -31.34
N LEU C 13 -10.59 -9.38 -30.07
CA LEU C 13 -11.60 -9.25 -29.01
C LEU C 13 -11.77 -7.75 -28.74
N ALA C 14 -12.85 -7.27 -28.20
CA ALA C 14 -12.82 -5.80 -28.03
C ALA C 14 -13.87 -5.45 -27.00
N VAL C 15 -14.16 -6.48 -26.22
CA VAL C 15 -15.15 -6.29 -25.14
C VAL C 15 -14.81 -6.98 -23.82
N THR C 16 -14.78 -6.02 -22.90
CA THR C 16 -14.52 -6.28 -21.48
C THR C 16 -15.54 -7.39 -21.19
N THR C 17 -15.39 -8.10 -20.10
CA THR C 17 -16.27 -9.22 -19.69
C THR C 17 -17.72 -8.81 -19.53
N SER C 18 -17.91 -7.53 -19.27
CA SER C 18 -19.26 -6.98 -19.09
C SER C 18 -19.90 -6.57 -20.42
N GLY C 19 -19.32 -6.98 -21.53
CA GLY C 19 -19.94 -6.53 -22.80
C GLY C 19 -19.71 -5.02 -23.01
N SER C 20 -18.71 -4.48 -22.33
CA SER C 20 -18.33 -3.05 -22.48
C SER C 20 -17.25 -3.08 -23.57
N ARG C 21 -17.11 -1.97 -24.28
CA ARG C 21 -16.14 -1.90 -25.39
C ARG C 21 -14.82 -1.17 -25.18
N CYS C 22 -13.79 -1.99 -25.36
CA CYS C 22 -12.39 -1.60 -25.23
C CYS C 22 -12.16 -0.23 -25.87
N LEU C 23 -11.50 0.68 -25.20
CA LEU C 23 -11.25 2.03 -25.80
C LEU C 23 -9.82 1.92 -26.35
N ALA C 24 -9.68 2.32 -27.59
CA ALA C 24 -8.49 2.31 -28.44
C ALA C 24 -7.16 2.39 -27.73
N TRP C 25 -6.40 1.33 -27.87
CA TRP C 25 -5.11 1.22 -27.20
C TRP C 25 -4.34 2.53 -27.13
N SER C 26 -4.60 3.25 -28.20
CA SER C 26 -3.96 4.57 -28.37
C SER C 26 -4.98 5.70 -28.27
N SER C 27 -6.13 5.41 -27.69
CA SER C 27 -7.11 6.54 -27.56
C SER C 27 -6.13 7.57 -26.99
N GLU C 28 -6.43 8.82 -26.72
CA GLU C 28 -5.35 9.68 -26.19
C GLU C 28 -5.36 9.68 -24.65
N GLN C 29 -6.30 8.91 -24.12
CA GLN C 29 -6.46 8.83 -22.66
C GLN C 29 -6.35 7.38 -22.23
N ALA C 30 -5.97 6.56 -23.17
CA ALA C 30 -5.79 5.12 -22.94
C ALA C 30 -4.29 4.93 -22.99
N LYS C 31 -3.76 6.07 -23.44
CA LYS C 31 -2.32 6.23 -23.61
C LYS C 31 -1.78 6.96 -22.37
N ALA C 32 -2.76 7.61 -21.79
CA ALA C 32 -2.55 8.42 -20.58
C ALA C 32 -2.23 7.44 -19.45
N LEU C 33 -3.31 6.79 -19.09
CA LEU C 33 -3.28 5.78 -18.03
C LEU C 33 -2.09 4.83 -18.23
N SER C 34 -1.87 4.45 -19.48
CA SER C 34 -0.83 3.53 -19.95
C SER C 34 0.64 3.94 -19.83
N LYS C 35 0.92 5.22 -19.61
CA LYS C 35 2.32 5.65 -19.55
C LYS C 35 3.09 5.36 -18.28
N ASP C 36 2.64 5.57 -17.05
CA ASP C 36 3.50 5.24 -15.89
C ASP C 36 3.52 3.72 -15.75
N GLN C 37 2.69 3.02 -16.50
CA GLN C 37 2.75 1.55 -16.30
C GLN C 37 4.05 1.06 -16.93
N ASP C 38 4.19 -0.24 -16.81
CA ASP C 38 5.36 -0.97 -17.36
C ASP C 38 4.82 -2.06 -18.29
N PHE C 39 4.82 -1.72 -19.59
CA PHE C 39 4.28 -2.65 -20.62
C PHE C 39 5.38 -3.39 -21.37
N ASN C 40 5.09 -4.66 -21.61
CA ASN C 40 5.97 -5.60 -22.28
C ASN C 40 5.88 -5.63 -23.81
N PRO C 41 7.13 -5.58 -24.31
CA PRO C 41 7.43 -5.51 -25.75
C PRO C 41 7.41 -6.81 -26.55
N ALA C 42 6.29 -7.44 -26.71
CA ALA C 42 6.01 -8.70 -27.43
C ALA C 42 4.50 -8.47 -27.69
N VAL C 43 3.86 -8.29 -26.54
CA VAL C 43 2.42 -8.00 -26.52
C VAL C 43 2.27 -6.63 -27.21
N PRO C 44 1.90 -6.68 -28.50
CA PRO C 44 1.74 -5.50 -29.35
C PRO C 44 0.30 -4.97 -29.11
N LEU C 45 0.22 -3.66 -28.94
CA LEU C 45 -1.08 -3.07 -28.67
C LEU C 45 -1.83 -2.63 -29.92
N ALA C 46 -2.63 -3.58 -30.30
CA ALA C 46 -3.54 -3.57 -31.44
C ALA C 46 -4.86 -2.82 -31.35
N GLU C 47 -5.04 -1.74 -32.08
CA GLU C 47 -6.34 -1.03 -32.05
C GLU C 47 -7.04 -0.88 -30.72
N ASN C 48 -7.99 -1.79 -30.47
CA ASN C 48 -8.77 -1.75 -29.23
C ASN C 48 -9.02 -3.19 -28.80
N PHE C 49 -8.07 -4.03 -29.13
CA PHE C 49 -8.10 -5.44 -28.83
C PHE C 49 -7.63 -5.78 -27.43
N CYS C 50 -8.32 -6.78 -26.94
CA CYS C 50 -7.95 -7.27 -25.61
C CYS C 50 -6.52 -7.81 -25.77
N ARG C 51 -5.74 -7.39 -24.78
CA ARG C 51 -4.35 -7.84 -24.71
C ARG C 51 -4.01 -7.90 -23.21
N ASN C 52 -2.85 -8.42 -22.91
CA ASN C 52 -2.29 -8.54 -21.54
C ASN C 52 -0.85 -7.98 -21.57
N PRO C 53 -0.72 -6.68 -21.88
CA PRO C 53 0.58 -6.06 -22.02
C PRO C 53 1.46 -6.08 -20.79
N ASP C 54 0.84 -6.41 -19.69
CA ASP C 54 1.39 -6.46 -18.35
C ASP C 54 2.18 -7.74 -18.15
N GLY C 55 1.36 -8.73 -18.08
CA GLY C 55 1.71 -10.09 -17.79
C GLY C 55 0.71 -10.52 -16.72
N ASP C 56 -0.25 -9.57 -16.54
CA ASP C 56 -1.36 -9.73 -15.57
C ASP C 56 -1.64 -11.23 -15.51
N GLU C 57 -1.42 -11.65 -14.30
CA GLU C 57 -1.52 -13.00 -13.79
C GLU C 57 -2.91 -13.53 -14.04
N GLU C 58 -3.80 -12.55 -14.06
CA GLU C 58 -5.22 -12.76 -14.24
C GLU C 58 -5.55 -13.00 -15.70
N GLY C 59 -5.15 -12.12 -16.59
CA GLY C 59 -5.46 -12.40 -18.01
C GLY C 59 -5.45 -11.08 -18.76
N ALA C 60 -6.28 -11.35 -20.05
CA ALA C 60 -6.28 -10.19 -20.97
C ALA C 60 -7.37 -9.20 -20.56
N TRP C 61 -6.92 -7.98 -20.47
CA TRP C 61 -7.72 -6.84 -20.05
C TRP C 61 -7.71 -5.79 -21.18
N CYS C 62 -8.26 -4.62 -20.87
CA CYS C 62 -8.35 -3.49 -21.83
C CYS C 62 -8.89 -2.26 -21.10
N TYR C 63 -8.93 -1.12 -21.75
CA TYR C 63 -9.44 0.08 -21.02
C TYR C 63 -10.95 0.15 -21.17
N VAL C 64 -11.62 0.98 -20.39
CA VAL C 64 -13.10 1.02 -20.55
C VAL C 64 -13.53 2.45 -20.35
N ALA C 65 -12.54 3.24 -19.99
CA ALA C 65 -12.72 4.68 -19.79
C ALA C 65 -11.36 5.30 -19.52
N ASP C 66 -11.42 6.52 -19.04
CA ASP C 66 -10.22 7.31 -18.79
C ASP C 66 -9.81 7.54 -17.36
N GLN C 67 -10.40 6.84 -16.41
CA GLN C 67 -9.97 7.08 -14.98
C GLN C 67 -9.44 5.79 -14.37
N PRO C 68 -8.60 5.91 -13.35
CA PRO C 68 -8.04 4.73 -12.67
C PRO C 68 -9.12 3.77 -12.17
N GLY C 69 -8.89 2.53 -12.55
CA GLY C 69 -9.79 1.40 -12.24
C GLY C 69 -10.71 1.22 -13.46
N ASP C 70 -10.74 2.22 -14.33
CA ASP C 70 -11.60 2.21 -15.54
C ASP C 70 -10.96 1.30 -16.59
N PHE C 71 -10.88 0.03 -16.28
CA PHE C 71 -10.32 -1.03 -17.15
C PHE C 71 -11.07 -2.33 -16.81
N GLU C 72 -10.87 -3.40 -17.55
CA GLU C 72 -11.61 -4.64 -17.28
C GLU C 72 -10.95 -5.82 -17.97
N TYR C 73 -11.28 -7.00 -17.48
CA TYR C 73 -10.65 -8.21 -18.06
C TYR C 73 -11.51 -8.56 -19.26
N CYS C 74 -10.95 -9.49 -19.98
CA CYS C 74 -11.59 -9.98 -21.20
C CYS C 74 -11.67 -11.48 -21.11
N ASN C 75 -12.76 -11.96 -21.64
CA ASN C 75 -13.19 -13.36 -21.69
C ASN C 75 -12.63 -14.31 -22.71
N LEU C 76 -11.52 -14.95 -22.41
CA LEU C 76 -11.04 -15.95 -23.39
C LEU C 76 -11.01 -17.24 -22.54
N ASN C 77 -10.51 -18.27 -23.18
CA ASN C 77 -10.38 -19.56 -22.50
C ASN C 77 -8.87 -19.81 -22.33
N TYR C 78 -8.50 -19.87 -21.07
CA TYR C 78 -7.06 -20.16 -20.89
C TYR C 78 -6.92 -21.67 -20.77
N CYS C 79 -5.68 -22.10 -20.71
CA CYS C 79 -5.23 -23.48 -20.60
C CYS C 79 -4.65 -23.88 -19.24
#